data_5K1W
#
_entry.id   5K1W
#
_cell.length_a   52.180
_cell.length_b   54.770
_cell.length_c   103.500
_cell.angle_alpha   90.00
_cell.angle_beta   90.00
_cell.angle_gamma   90.00
#
_symmetry.space_group_name_H-M   'P 21 21 21'
#
loop_
_entity.id
_entity.type
_entity.pdbx_description
1 polymer 'NAD(P)H:flavin oxidoreductase Sye4'
2 non-polymer 'FLAVIN MONONUCLEOTIDE'
3 non-polymer 'PICRIC ACID'
4 non-polymer Octadecane
5 water water
#
_entity_poly.entity_id   1
_entity_poly.type   'polypeptide(L)'
_entity_poly.pdbx_seq_one_letter_code
;MTIENTVNSVENLFDTYKLNDTITLKNRILMAPLTRCMADANLVPTDDMVAYYARRAEAGLIISEATIIRPDAQGYPNTP
GIFTQAQIAGWRKVTDAVHANGGKIFVQLWHTGRVAHPHFFGGGDVLAPSAQKIEGSVPRMRELTYVTPKAVTVEDIQGL
VRDYAKAAENVIEAGFDGVEIHGANGYLIDQFLHHDSNRRTDEYGGTPVNMSRFALEVVDAIIARIGHDRTGLRISPGAY
FNMASDSRDRVVFDYLLPELEKRDLAFVHIGIFDDSIEFDYLGGTASSYVRAHYGKTLVGVGSYSAETASKAIAEDKFDL
IAIGRPFIANPDYVAKVRNSEELVAYSDEMLASLI
;
_entity_poly.pdbx_strand_id   A
#
# COMPACT_ATOMS: atom_id res chain seq x y z
N THR A 2 -24.65 -12.14 -5.84
CA THR A 2 -23.26 -12.29 -6.24
C THR A 2 -22.77 -11.03 -6.95
N ILE A 3 -21.45 -10.88 -6.98
CA ILE A 3 -20.85 -9.66 -7.53
CA ILE A 3 -20.78 -9.71 -7.55
C ILE A 3 -21.04 -9.53 -9.04
N GLU A 4 -21.14 -10.65 -9.76
CA GLU A 4 -21.25 -10.61 -11.22
C GLU A 4 -22.64 -10.16 -11.66
N ASN A 5 -23.63 -10.37 -10.80
CA ASN A 5 -24.99 -9.91 -11.07
C ASN A 5 -25.11 -8.40 -10.84
N THR A 6 -24.35 -7.64 -11.63
CA THR A 6 -24.31 -6.19 -11.46
C THR A 6 -25.64 -5.56 -11.83
N VAL A 7 -25.92 -4.41 -11.22
CA VAL A 7 -27.17 -3.70 -11.45
C VAL A 7 -26.89 -2.38 -12.16
N ASN A 8 -27.95 -1.63 -12.48
CA ASN A 8 -27.81 -0.42 -13.29
C ASN A 8 -27.67 0.85 -12.46
N SER A 9 -27.01 0.74 -11.32
CA SER A 9 -26.76 1.91 -10.46
C SER A 9 -25.63 1.63 -9.50
N VAL A 10 -24.74 2.61 -9.35
CA VAL A 10 -23.63 2.50 -8.40
C VAL A 10 -23.69 3.68 -7.43
N GLU A 11 -24.92 4.07 -7.08
CA GLU A 11 -25.13 5.21 -6.20
C GLU A 11 -24.37 5.07 -4.89
N ASN A 12 -24.25 3.85 -4.37
CA ASN A 12 -23.63 3.66 -3.05
C ASN A 12 -22.15 4.04 -3.06
N LEU A 13 -21.53 4.04 -4.24
CA LEU A 13 -20.14 4.47 -4.35
C LEU A 13 -20.00 5.95 -3.96
N PHE A 14 -21.10 6.69 -3.97
CA PHE A 14 -21.04 8.12 -3.68
C PHE A 14 -21.56 8.47 -2.30
N ASP A 15 -21.83 7.45 -1.48
CA ASP A 15 -22.14 7.67 -0.08
C ASP A 15 -20.98 8.36 0.62
N THR A 16 -21.29 9.31 1.49
CA THR A 16 -20.32 9.80 2.45
C THR A 16 -19.91 8.62 3.34
N TYR A 17 -18.62 8.49 3.62
CA TYR A 17 -18.16 7.44 4.52
C TYR A 17 -17.31 8.03 5.63
N LYS A 18 -17.78 7.91 6.86
CA LYS A 18 -17.01 8.38 8.02
C LYS A 18 -16.02 7.32 8.45
N LEU A 19 -14.73 7.59 8.23
CA LEU A 19 -13.69 6.64 8.61
C LEU A 19 -13.59 6.58 10.12
N ASN A 20 -13.66 7.76 10.72
CA ASN A 20 -13.49 7.89 12.15
C ASN A 20 -13.81 9.33 12.54
N ASP A 21 -13.57 9.69 13.79
CA ASP A 21 -13.92 11.01 14.28
C ASP A 21 -13.11 12.12 13.61
N THR A 22 -11.95 11.77 13.05
CA THR A 22 -11.05 12.75 12.46
C THR A 22 -11.32 12.96 10.97
N ILE A 23 -11.70 11.90 10.27
CA ILE A 23 -11.79 11.93 8.82
C ILE A 23 -13.09 11.37 8.28
N THR A 24 -13.74 12.16 7.43
CA THR A 24 -14.90 11.71 6.67
C THR A 24 -14.58 11.85 5.18
N LEU A 25 -14.86 10.80 4.43
CA LEU A 25 -14.64 10.78 2.98
C LEU A 25 -15.91 11.16 2.24
N LYS A 26 -15.77 11.93 1.17
CA LYS A 26 -16.93 12.41 0.43
CA LYS A 26 -16.92 12.42 0.41
C LYS A 26 -17.55 11.32 -0.45
N ASN A 27 -16.80 10.26 -0.72
CA ASN A 27 -17.33 9.09 -1.41
C ASN A 27 -16.49 7.86 -1.05
N ARG A 28 -16.87 6.69 -1.56
CA ARG A 28 -16.22 5.43 -1.20
C ARG A 28 -15.07 5.05 -2.14
N ILE A 29 -14.77 5.91 -3.10
CA ILE A 29 -13.77 5.61 -4.12
C ILE A 29 -12.40 6.11 -3.70
N LEU A 30 -11.46 5.16 -3.60
CA LEU A 30 -10.07 5.51 -3.34
C LEU A 30 -9.25 5.39 -4.61
N MET A 31 -8.27 6.26 -4.77
CA MET A 31 -7.24 6.04 -5.77
C MET A 31 -6.23 5.09 -5.14
N ALA A 32 -6.05 3.92 -5.74
CA ALA A 32 -5.10 2.93 -5.22
C ALA A 32 -3.69 3.48 -5.32
N PRO A 33 -2.78 2.99 -4.46
CA PRO A 33 -1.39 3.42 -4.57
C PRO A 33 -0.78 2.89 -5.88
N LEU A 34 -0.14 3.77 -6.64
CA LEU A 34 0.38 3.40 -7.96
C LEU A 34 1.76 4.02 -8.18
N THR A 35 2.79 3.19 -8.04
CA THR A 35 4.16 3.57 -8.35
C THR A 35 4.27 4.00 -9.81
N ARG A 36 4.81 5.19 -10.01
CA ARG A 36 4.95 5.74 -11.36
C ARG A 36 6.41 5.97 -11.76
N CYS A 37 7.32 6.02 -10.80
CA CYS A 37 8.75 6.19 -11.06
C CYS A 37 9.08 7.49 -11.80
N MET A 38 8.51 8.59 -11.34
CA MET A 38 8.65 9.88 -12.01
C MET A 38 9.16 10.99 -11.09
N ALA A 39 9.61 10.64 -9.88
CA ALA A 39 10.16 11.62 -8.96
C ALA A 39 11.54 12.05 -9.47
N ASP A 40 12.05 13.19 -8.98
CA ASP A 40 13.32 13.69 -9.53
C ASP A 40 14.54 12.96 -8.94
N ALA A 41 15.73 13.40 -9.30
CA ALA A 41 16.96 12.72 -8.88
C ALA A 41 17.17 12.71 -7.37
N ASN A 42 16.50 13.63 -6.67
CA ASN A 42 16.58 13.70 -5.22
C ASN A 42 15.39 12.99 -4.59
N LEU A 43 14.65 12.27 -5.41
CA LEU A 43 13.45 11.53 -5.00
C LEU A 43 12.40 12.49 -4.41
N VAL A 44 12.40 13.70 -4.93
CA VAL A 44 11.39 14.71 -4.57
C VAL A 44 10.25 14.71 -5.58
N PRO A 45 9.00 14.75 -5.07
CA PRO A 45 7.85 14.87 -5.97
C PRO A 45 7.99 16.08 -6.88
N THR A 46 7.74 15.89 -8.17
CA THR A 46 7.84 16.98 -9.15
C THR A 46 6.52 17.75 -9.28
N ASP A 47 6.59 18.90 -9.93
CA ASP A 47 5.38 19.68 -10.17
C ASP A 47 4.43 18.95 -11.13
N ASP A 48 4.95 18.06 -11.96
CA ASP A 48 4.09 17.21 -12.79
C ASP A 48 3.32 16.22 -11.91
N MET A 49 4.00 15.70 -10.90
CA MET A 49 3.33 14.83 -9.94
C MET A 49 2.26 15.58 -9.17
N VAL A 50 2.52 16.83 -8.83
CA VAL A 50 1.53 17.66 -8.15
C VAL A 50 0.26 17.75 -8.99
N ALA A 51 0.41 18.03 -10.28
CA ALA A 51 -0.73 18.17 -11.18
C ALA A 51 -1.48 16.84 -11.34
N TYR A 52 -0.73 15.75 -11.42
CA TYR A 52 -1.27 14.40 -11.59
C TYR A 52 -2.20 14.02 -10.43
N TYR A 53 -1.74 14.23 -9.21
CA TYR A 53 -2.56 13.93 -8.04
C TYR A 53 -3.72 14.92 -7.94
N ALA A 54 -3.45 16.19 -8.20
CA ALA A 54 -4.46 17.23 -8.02
C ALA A 54 -5.68 16.94 -8.89
N ARG A 55 -5.47 16.43 -10.10
CA ARG A 55 -6.60 16.23 -11.01
C ARG A 55 -7.43 14.98 -10.65
N ARG A 56 -7.00 14.24 -9.63
CA ARG A 56 -7.76 13.08 -9.18
C ARG A 56 -8.41 13.31 -7.80
N ALA A 57 -8.49 14.57 -7.40
CA ALA A 57 -9.01 14.93 -6.08
C ALA A 57 -10.52 14.73 -5.90
N GLU A 58 -11.24 14.30 -6.94
CA GLU A 58 -12.64 13.90 -6.81
CA GLU A 58 -12.64 13.93 -6.77
C GLU A 58 -12.76 12.57 -6.07
N ALA A 59 -11.65 11.85 -5.96
CA ALA A 59 -11.62 10.61 -5.19
C ALA A 59 -11.91 10.95 -3.72
N GLY A 60 -12.65 10.07 -3.05
CA GLY A 60 -12.87 10.23 -1.63
C GLY A 60 -11.55 10.30 -0.88
N LEU A 61 -10.58 9.52 -1.34
CA LEU A 61 -9.25 9.53 -0.72
C LEU A 61 -8.26 9.00 -1.74
N ILE A 62 -7.14 9.70 -1.86
CA ILE A 62 -6.03 9.22 -2.66
C ILE A 62 -5.02 8.56 -1.75
N ILE A 63 -4.58 7.37 -2.14
N ILE A 63 -4.55 7.39 -2.15
CA ILE A 63 -3.38 6.79 -1.56
CA ILE A 63 -3.37 6.80 -1.53
C ILE A 63 -2.25 7.07 -2.53
C ILE A 63 -2.22 7.01 -2.50
N SER A 64 -1.20 7.73 -2.05
CA SER A 64 -0.06 8.03 -2.91
C SER A 64 0.63 6.75 -3.35
N GLU A 65 1.40 6.87 -4.41
CA GLU A 65 2.39 5.87 -4.76
C GLU A 65 3.26 5.54 -3.55
N ALA A 66 3.75 4.31 -3.51
CA ALA A 66 4.68 3.90 -2.48
C ALA A 66 5.85 4.88 -2.37
N THR A 67 6.12 5.31 -1.14
CA THR A 67 7.10 6.37 -0.87
C THR A 67 8.10 5.86 0.15
N ILE A 68 9.38 5.88 -0.20
CA ILE A 68 10.38 5.20 0.65
C ILE A 68 10.70 5.97 1.92
N ILE A 69 11.00 5.22 2.98
CA ILE A 69 11.23 5.82 4.28
C ILE A 69 12.71 6.18 4.52
N ARG A 70 13.60 5.61 3.72
CA ARG A 70 15.03 5.91 3.83
C ARG A 70 15.75 5.30 2.61
N PRO A 71 17.01 5.67 2.37
CA PRO A 71 17.62 5.29 1.08
C PRO A 71 17.69 3.79 0.78
N ASP A 72 17.97 2.95 1.79
CA ASP A 72 18.12 1.53 1.52
C ASP A 72 16.78 0.81 1.31
N ALA A 73 15.69 1.60 1.26
CA ALA A 73 14.38 1.07 0.85
C ALA A 73 14.18 1.09 -0.66
N GLN A 74 15.07 1.73 -1.41
CA GLN A 74 14.82 1.93 -2.84
C GLN A 74 15.11 0.70 -3.68
N GLY A 75 14.11 0.29 -4.49
CA GLY A 75 14.25 -0.86 -5.37
C GLY A 75 13.91 -0.57 -6.82
N TYR A 76 13.44 0.63 -7.10
CA TYR A 76 13.03 1.01 -8.45
C TYR A 76 13.43 2.46 -8.69
N PRO A 77 13.59 2.85 -9.96
CA PRO A 77 14.07 4.21 -10.23
C PRO A 77 13.04 5.29 -9.89
N ASN A 78 13.54 6.42 -9.39
CA ASN A 78 12.74 7.63 -9.30
C ASN A 78 11.50 7.46 -8.42
N THR A 79 11.58 6.63 -7.39
CA THR A 79 10.47 6.48 -6.47
C THR A 79 10.65 7.50 -5.35
N PRO A 80 9.61 8.30 -5.07
CA PRO A 80 9.82 9.39 -4.11
C PRO A 80 10.06 8.91 -2.69
N GLY A 81 10.75 9.72 -1.89
CA GLY A 81 10.91 9.46 -0.48
C GLY A 81 10.24 10.52 0.38
N ILE A 82 10.29 10.33 1.69
CA ILE A 82 9.80 11.35 2.62
CA ILE A 82 9.76 11.30 2.64
C ILE A 82 10.68 11.35 3.88
N PHE A 83 11.98 11.35 3.64
CA PHE A 83 12.97 11.39 4.72
C PHE A 83 13.88 12.63 4.70
N THR A 84 13.85 13.42 3.62
CA THR A 84 14.61 14.67 3.59
C THR A 84 13.69 15.88 3.63
N GLN A 85 14.22 17.02 4.03
CA GLN A 85 13.43 18.25 4.07
C GLN A 85 12.92 18.63 2.67
N ALA A 86 13.74 18.43 1.65
CA ALA A 86 13.34 18.76 0.30
C ALA A 86 12.15 17.90 -0.14
N GLN A 87 12.17 16.63 0.26
CA GLN A 87 11.09 15.71 -0.08
C GLN A 87 9.79 16.11 0.62
N ILE A 88 9.91 16.53 1.87
CA ILE A 88 8.75 17.02 2.62
C ILE A 88 8.14 18.22 1.92
N ALA A 89 8.99 19.12 1.44
CA ALA A 89 8.52 20.33 0.75
C ALA A 89 7.83 19.99 -0.55
N GLY A 90 8.37 19.01 -1.27
CA GLY A 90 7.78 18.57 -2.52
C GLY A 90 6.41 17.97 -2.27
N TRP A 91 6.33 17.09 -1.28
CA TRP A 91 5.04 16.50 -0.93
C TRP A 91 4.04 17.54 -0.46
N ARG A 92 4.51 18.56 0.26
CA ARG A 92 3.60 19.61 0.72
C ARG A 92 2.93 20.30 -0.47
N LYS A 93 3.63 20.45 -1.59
CA LYS A 93 3.00 20.99 -2.79
C LYS A 93 1.90 20.07 -3.28
N VAL A 94 2.16 18.76 -3.21
CA VAL A 94 1.17 17.78 -3.64
C VAL A 94 -0.08 17.84 -2.76
N THR A 95 0.10 17.76 -1.44
CA THR A 95 -1.03 17.71 -0.53
C THR A 95 -1.80 19.03 -0.56
N ASP A 96 -1.10 20.15 -0.62
CA ASP A 96 -1.77 21.45 -0.73
C ASP A 96 -2.68 21.51 -1.96
N ALA A 97 -2.20 20.99 -3.08
CA ALA A 97 -2.96 21.03 -4.34
C ALA A 97 -4.18 20.11 -4.26
N VAL A 98 -4.00 18.92 -3.71
CA VAL A 98 -5.12 18.02 -3.51
C VAL A 98 -6.18 18.65 -2.60
N HIS A 99 -5.75 19.21 -1.48
CA HIS A 99 -6.68 19.83 -0.54
C HIS A 99 -7.38 21.02 -1.15
N ALA A 100 -6.65 21.80 -1.93
CA ALA A 100 -7.24 22.99 -2.56
C ALA A 100 -8.31 22.54 -3.56
N ASN A 101 -8.17 21.34 -4.10
CA ASN A 101 -9.18 20.82 -5.03
C ASN A 101 -10.29 20.04 -4.33
N GLY A 102 -10.31 20.11 -3.00
CA GLY A 102 -11.35 19.46 -2.21
C GLY A 102 -11.13 17.96 -2.00
N GLY A 103 -9.89 17.51 -2.12
CA GLY A 103 -9.56 16.12 -1.93
C GLY A 103 -8.88 15.81 -0.59
N LYS A 104 -8.57 14.53 -0.40
CA LYS A 104 -7.83 14.05 0.76
C LYS A 104 -6.79 13.06 0.27
N ILE A 105 -5.69 12.93 1.00
CA ILE A 105 -4.60 12.08 0.54
C ILE A 105 -3.80 11.51 1.71
N PHE A 106 -3.58 10.20 1.66
CA PHE A 106 -2.65 9.51 2.54
C PHE A 106 -1.39 9.19 1.74
N VAL A 107 -0.24 9.20 2.41
CA VAL A 107 0.97 8.70 1.78
C VAL A 107 1.08 7.21 2.07
N GLN A 108 1.66 6.45 1.16
CA GLN A 108 1.93 5.04 1.44
C GLN A 108 3.41 4.90 1.79
N LEU A 109 3.70 4.50 3.03
CA LEU A 109 5.07 4.41 3.52
C LEU A 109 5.68 3.04 3.25
N TRP A 110 6.85 3.06 2.60
CA TRP A 110 7.41 1.88 1.96
C TRP A 110 8.81 1.57 2.41
N HIS A 111 9.07 0.29 2.64
CA HIS A 111 10.43 -0.22 2.62
C HIS A 111 10.36 -1.52 1.84
N THR A 112 11.25 -1.70 0.86
CA THR A 112 11.15 -2.84 -0.06
C THR A 112 11.81 -4.11 0.46
N GLY A 113 12.66 -3.98 1.47
CA GLY A 113 13.26 -5.13 2.11
C GLY A 113 14.12 -5.83 1.06
N ARG A 114 13.91 -7.12 0.87
CA ARG A 114 14.74 -7.91 -0.03
C ARG A 114 14.57 -7.54 -1.50
N VAL A 115 13.59 -6.68 -1.81
CA VAL A 115 13.33 -6.24 -3.17
C VAL A 115 14.02 -4.89 -3.48
N ALA A 116 14.79 -4.39 -2.51
CA ALA A 116 15.62 -3.22 -2.77
C ALA A 116 16.77 -3.60 -3.69
N HIS A 117 17.44 -2.61 -4.25
CA HIS A 117 18.63 -2.91 -5.03
C HIS A 117 19.75 -1.89 -4.78
N PRO A 118 20.95 -2.37 -4.47
CA PRO A 118 22.08 -1.51 -4.07
CA PRO A 118 22.08 -1.51 -4.06
C PRO A 118 22.50 -0.48 -5.12
N HIS A 119 22.18 -0.72 -6.37
CA HIS A 119 22.41 0.29 -7.42
C HIS A 119 21.83 1.65 -7.02
N PHE A 120 20.71 1.63 -6.31
CA PHE A 120 20.03 2.86 -5.95
C PHE A 120 20.58 3.57 -4.70
N PHE A 121 21.36 2.87 -3.88
CA PHE A 121 21.85 3.49 -2.65
C PHE A 121 23.31 3.17 -2.34
N GLY A 122 24.16 3.33 -3.35
CA GLY A 122 25.60 3.35 -3.16
C GLY A 122 26.23 2.01 -2.78
N GLY A 123 25.58 0.93 -3.18
CA GLY A 123 26.13 -0.40 -2.97
C GLY A 123 25.95 -0.97 -1.57
N GLY A 124 25.12 -0.35 -0.76
CA GLY A 124 24.89 -0.80 0.61
C GLY A 124 24.16 -2.13 0.71
N ASP A 125 23.98 -2.62 1.93
CA ASP A 125 23.30 -3.90 2.16
C ASP A 125 21.79 -3.81 1.91
N VAL A 126 21.26 -4.82 1.22
CA VAL A 126 19.81 -5.05 1.14
C VAL A 126 19.41 -5.77 2.43
N LEU A 127 18.32 -5.33 3.03
CA LEU A 127 17.88 -5.85 4.33
C LEU A 127 16.57 -6.63 4.22
N ALA A 128 16.44 -7.70 4.99
CA ALA A 128 15.21 -8.50 5.02
C ALA A 128 15.18 -9.34 6.29
N PRO A 129 14.05 -9.99 6.59
CA PRO A 129 14.02 -10.85 7.77
C PRO A 129 15.07 -11.97 7.72
N SER A 130 15.32 -12.49 6.52
CA SER A 130 16.25 -13.60 6.34
C SER A 130 17.03 -13.46 5.04
N ALA A 131 18.16 -14.15 4.96
CA ALA A 131 19.00 -14.13 3.77
C ALA A 131 18.44 -15.03 2.67
N GLN A 132 17.27 -14.64 2.16
CA GLN A 132 16.57 -15.38 1.14
C GLN A 132 16.37 -14.47 -0.05
N LYS A 133 17.15 -14.72 -1.10
CA LYS A 133 17.12 -13.89 -2.30
C LYS A 133 15.91 -14.18 -3.17
N ILE A 134 15.33 -13.15 -3.75
CA ILE A 134 14.30 -13.37 -4.76
C ILE A 134 14.94 -13.63 -6.13
N GLU A 135 14.16 -14.20 -7.04
CA GLU A 135 14.65 -14.50 -8.38
C GLU A 135 14.63 -13.25 -9.24
N GLY A 136 15.59 -13.16 -10.15
CA GLY A 136 15.48 -12.20 -11.23
C GLY A 136 16.18 -10.87 -11.02
N SER A 137 15.62 -9.86 -11.65
CA SER A 137 16.24 -8.53 -11.72
CA SER A 137 16.24 -8.53 -11.68
C SER A 137 15.18 -7.43 -11.66
N VAL A 138 15.62 -6.21 -11.40
CA VAL A 138 14.70 -5.09 -11.29
C VAL A 138 14.02 -4.86 -12.64
N PRO A 139 12.68 -4.78 -12.66
CA PRO A 139 11.95 -4.54 -13.91
CA PRO A 139 11.98 -4.56 -13.93
C PRO A 139 12.31 -3.21 -14.54
N ARG A 140 12.30 -3.16 -15.88
CA ARG A 140 12.47 -1.92 -16.62
CA ARG A 140 12.48 -1.92 -16.62
C ARG A 140 13.84 -1.28 -16.37
N MET A 141 14.81 -2.09 -15.98
CA MET A 141 16.18 -1.62 -15.76
C MET A 141 17.14 -2.57 -16.44
N ARG A 142 18.31 -2.05 -16.78
CA ARG A 142 19.36 -2.84 -17.39
C ARG A 142 20.09 -3.69 -16.36
N GLU A 143 19.85 -5.00 -16.41
CA GLU A 143 20.58 -6.01 -15.66
CA GLU A 143 20.64 -5.99 -15.68
C GLU A 143 20.96 -5.64 -14.22
N LEU A 144 19.95 -5.39 -13.41
CA LEU A 144 20.14 -5.19 -11.97
C LEU A 144 19.63 -6.43 -11.24
N THR A 145 20.48 -7.44 -11.13
N THR A 145 20.50 -7.43 -11.11
CA THR A 145 20.09 -8.70 -10.50
CA THR A 145 20.14 -8.70 -10.49
C THR A 145 19.90 -8.53 -9.01
C THR A 145 19.91 -8.53 -9.00
N TYR A 146 18.82 -9.09 -8.50
CA TYR A 146 18.52 -9.03 -7.08
C TYR A 146 19.61 -9.78 -6.33
N VAL A 147 19.87 -9.35 -5.10
CA VAL A 147 20.98 -9.90 -4.33
C VAL A 147 20.48 -10.56 -3.05
N THR A 148 21.32 -11.41 -2.48
CA THR A 148 20.98 -12.02 -1.21
C THR A 148 20.98 -10.95 -0.13
N PRO A 149 19.86 -10.78 0.58
CA PRO A 149 19.79 -9.80 1.66
C PRO A 149 20.60 -10.21 2.87
N LYS A 150 20.98 -9.22 3.68
CA LYS A 150 21.44 -9.49 5.02
C LYS A 150 20.22 -9.67 5.91
N ALA A 151 20.24 -10.71 6.72
CA ALA A 151 19.19 -10.87 7.73
C ALA A 151 19.36 -9.77 8.78
N VAL A 152 18.31 -8.96 8.95
CA VAL A 152 18.40 -7.84 9.87
C VAL A 152 18.65 -8.32 11.29
N THR A 153 19.46 -7.58 12.02
CA THR A 153 19.61 -7.81 13.44
C THR A 153 18.48 -7.10 14.18
N VAL A 154 18.32 -7.41 15.45
CA VAL A 154 17.30 -6.75 16.27
CA VAL A 154 17.30 -6.75 16.24
C VAL A 154 17.59 -5.25 16.32
N GLU A 155 18.87 -4.88 16.29
CA GLU A 155 19.22 -3.46 16.26
C GLU A 155 18.80 -2.82 14.93
N ASP A 156 19.03 -3.51 13.81
CA ASP A 156 18.48 -3.04 12.51
C ASP A 156 16.97 -2.82 12.62
N ILE A 157 16.28 -3.79 13.21
CA ILE A 157 14.84 -3.72 13.33
C ILE A 157 14.42 -2.50 14.14
N GLN A 158 15.11 -2.24 15.24
CA GLN A 158 14.79 -1.06 16.05
C GLN A 158 14.97 0.23 15.24
N GLY A 159 16.02 0.29 14.43
CA GLY A 159 16.24 1.45 13.58
C GLY A 159 15.17 1.59 12.52
N LEU A 160 14.70 0.46 11.98
CA LEU A 160 13.67 0.49 10.96
C LEU A 160 12.34 1.00 11.52
N VAL A 161 11.98 0.52 12.70
CA VAL A 161 10.77 0.99 13.37
C VAL A 161 10.87 2.51 13.60
N ARG A 162 12.03 2.94 14.10
CA ARG A 162 12.32 4.36 14.30
C ARG A 162 12.12 5.15 13.02
N ASP A 163 12.63 4.61 11.92
CA ASP A 163 12.57 5.34 10.65
C ASP A 163 11.17 5.34 10.03
N TYR A 164 10.40 4.27 10.26
CA TYR A 164 8.99 4.32 9.88
C TYR A 164 8.27 5.42 10.67
N ALA A 165 8.59 5.52 11.97
CA ALA A 165 7.93 6.50 12.83
C ALA A 165 8.32 7.92 12.44
N LYS A 166 9.60 8.13 12.14
CA LYS A 166 10.06 9.44 11.70
C LYS A 166 9.41 9.83 10.40
N ALA A 167 9.29 8.89 9.47
CA ALA A 167 8.68 9.17 8.19
C ALA A 167 7.24 9.60 8.42
N ALA A 168 6.57 8.95 9.37
CA ALA A 168 5.18 9.29 9.70
C ALA A 168 5.09 10.73 10.20
N GLU A 169 6.02 11.11 11.06
CA GLU A 169 6.09 12.50 11.55
CA GLU A 169 6.07 12.50 11.54
C GLU A 169 6.25 13.46 10.39
N ASN A 170 7.13 13.13 9.46
CA ASN A 170 7.39 13.96 8.28
C ASN A 170 6.14 14.12 7.42
N VAL A 171 5.33 13.06 7.43
CA VAL A 171 4.12 13.02 6.62
C VAL A 171 3.17 14.10 7.09
N ILE A 172 3.12 14.31 8.41
CA ILE A 172 2.29 15.36 8.98
C ILE A 172 2.83 16.76 8.62
N GLU A 173 4.15 16.91 8.64
CA GLU A 173 4.76 18.17 8.22
C GLU A 173 4.47 18.43 6.75
N ALA A 174 4.39 17.35 5.97
CA ALA A 174 4.13 17.47 4.54
C ALA A 174 2.65 17.67 4.23
N GLY A 175 1.83 17.72 5.28
CA GLY A 175 0.41 18.03 5.14
C GLY A 175 -0.49 16.90 4.65
N PHE A 176 -0.04 15.66 4.72
CA PHE A 176 -0.93 14.55 4.42
C PHE A 176 -2.00 14.39 5.49
N ASP A 177 -3.13 13.80 5.10
CA ASP A 177 -4.19 13.48 6.05
C ASP A 177 -3.87 12.25 6.86
N GLY A 178 -2.96 11.42 6.38
CA GLY A 178 -2.57 10.23 7.09
C GLY A 178 -1.58 9.39 6.31
N VAL A 179 -1.37 8.18 6.83
CA VAL A 179 -0.42 7.22 6.29
CA VAL A 179 -0.44 7.23 6.26
C VAL A 179 -1.10 5.89 6.03
N GLU A 180 -0.83 5.28 4.88
CA GLU A 180 -1.10 3.86 4.69
C GLU A 180 0.25 3.18 4.79
N ILE A 181 0.39 2.29 5.77
CA ILE A 181 1.63 1.53 5.93
C ILE A 181 1.65 0.44 4.87
N HIS A 182 2.72 0.38 4.07
CA HIS A 182 2.79 -0.65 3.04
C HIS A 182 3.22 -1.99 3.62
N GLY A 183 2.23 -2.77 4.04
CA GLY A 183 2.47 -4.10 4.58
C GLY A 183 2.16 -5.22 3.61
N ALA A 184 2.14 -4.89 2.31
CA ALA A 184 1.58 -5.78 1.30
C ALA A 184 2.61 -6.09 0.21
N ASN A 185 2.17 -6.88 -0.76
CA ASN A 185 2.85 -7.08 -2.04
C ASN A 185 4.31 -7.49 -1.96
N GLY A 186 4.66 -8.23 -0.90
CA GLY A 186 5.98 -8.83 -0.80
C GLY A 186 7.08 -7.91 -0.32
N TYR A 187 6.74 -6.72 0.14
CA TYR A 187 7.75 -5.78 0.59
C TYR A 187 8.07 -6.00 2.08
N LEU A 188 8.81 -5.10 2.73
CA LEU A 188 9.48 -5.46 3.99
C LEU A 188 8.56 -6.04 5.07
N ILE A 189 7.46 -5.36 5.34
CA ILE A 189 6.57 -5.80 6.42
C ILE A 189 5.94 -7.15 6.04
N ASP A 190 5.50 -7.28 4.80
CA ASP A 190 4.95 -8.52 4.30
C ASP A 190 5.99 -9.64 4.38
N GLN A 191 7.27 -9.30 4.21
CA GLN A 191 8.34 -10.31 4.30
C GLN A 191 8.40 -10.96 5.68
N PHE A 192 8.07 -10.21 6.73
CA PHE A 192 8.05 -10.82 8.08
C PHE A 192 6.85 -11.73 8.27
N LEU A 193 5.79 -11.51 7.49
CA LEU A 193 4.51 -12.19 7.70
C LEU A 193 4.36 -13.52 6.94
N HIS A 194 5.31 -13.82 6.07
CA HIS A 194 5.28 -15.03 5.25
C HIS A 194 6.50 -15.91 5.46
N HIS A 195 6.29 -17.22 5.46
CA HIS A 195 7.37 -18.17 5.71
C HIS A 195 8.45 -18.21 4.63
N ASP A 196 8.09 -17.92 3.39
CA ASP A 196 9.08 -17.94 2.31
C ASP A 196 10.24 -17.01 2.67
N SER A 197 9.90 -15.80 3.09
CA SER A 197 10.90 -14.78 3.38
C SER A 197 11.36 -14.74 4.83
N ASN A 198 10.51 -15.20 5.74
CA ASN A 198 10.87 -15.16 7.16
C ASN A 198 11.18 -16.53 7.72
N ARG A 199 12.48 -16.83 7.77
CA ARG A 199 12.98 -18.10 8.31
C ARG A 199 13.69 -17.86 9.65
N ARG A 200 13.38 -16.75 10.30
CA ARG A 200 14.02 -16.39 11.57
C ARG A 200 13.66 -17.35 12.70
N THR A 201 14.57 -17.46 13.66
CA THR A 201 14.35 -18.29 14.84
C THR A 201 14.44 -17.47 16.12
N ASP A 202 14.49 -16.15 16.00
CA ASP A 202 14.42 -15.30 17.18
C ASP A 202 12.99 -14.81 17.42
N GLU A 203 12.84 -13.70 18.14
CA GLU A 203 11.51 -13.25 18.54
C GLU A 203 10.71 -12.63 17.39
N TYR A 204 11.31 -12.59 16.21
CA TYR A 204 10.64 -12.07 15.02
C TYR A 204 10.28 -13.15 14.01
N GLY A 205 10.47 -14.41 14.40
CA GLY A 205 10.19 -15.52 13.50
C GLY A 205 9.57 -16.72 14.18
N GLY A 206 9.09 -17.67 13.37
CA GLY A 206 8.67 -18.96 13.87
C GLY A 206 7.18 -19.09 14.12
N THR A 207 6.67 -18.29 15.06
CA THR A 207 5.28 -18.38 15.47
C THR A 207 4.48 -17.20 14.93
N PRO A 208 3.14 -17.34 14.85
CA PRO A 208 2.30 -16.23 14.41
C PRO A 208 2.56 -14.94 15.19
N VAL A 209 2.66 -15.02 16.51
CA VAL A 209 2.91 -13.85 17.35
CA VAL A 209 2.90 -13.84 17.33
C VAL A 209 4.24 -13.20 16.99
N ASN A 210 5.27 -14.03 16.82
CA ASN A 210 6.59 -13.52 16.50
C ASN A 210 6.66 -12.92 15.09
N MET A 211 6.06 -13.60 14.13
CA MET A 211 6.11 -13.14 12.74
C MET A 211 5.29 -11.86 12.57
N SER A 212 4.27 -11.67 13.41
CA SER A 212 3.45 -10.46 13.38
C SER A 212 4.10 -9.30 14.11
N ARG A 213 5.16 -9.59 14.86
CA ARG A 213 5.72 -8.61 15.79
C ARG A 213 6.21 -7.33 15.09
N PHE A 214 6.91 -7.47 13.98
CA PHE A 214 7.44 -6.29 13.28
C PHE A 214 6.31 -5.40 12.78
N ALA A 215 5.31 -6.01 12.15
CA ALA A 215 4.17 -5.25 11.65
C ALA A 215 3.51 -4.44 12.77
N LEU A 216 3.31 -5.10 13.91
CA LEU A 216 2.61 -4.47 15.02
C LEU A 216 3.50 -3.39 15.67
N GLU A 217 4.81 -3.61 15.70
CA GLU A 217 5.71 -2.59 16.24
C GLU A 217 5.71 -1.34 15.36
N VAL A 218 5.68 -1.53 14.05
CA VAL A 218 5.62 -0.39 13.13
C VAL A 218 4.29 0.33 13.27
N VAL A 219 3.19 -0.43 13.27
CA VAL A 219 1.86 0.17 13.42
C VAL A 219 1.77 0.97 14.71
N ASP A 220 2.25 0.38 15.80
CA ASP A 220 2.15 1.02 17.11
C ASP A 220 3.04 2.26 17.19
N ALA A 221 4.21 2.21 16.56
CA ALA A 221 5.11 3.36 16.60
C ALA A 221 4.51 4.53 15.82
N ILE A 222 3.87 4.21 14.69
CA ILE A 222 3.28 5.24 13.85
C ILE A 222 2.04 5.84 14.52
N ILE A 223 1.21 4.99 15.11
CA ILE A 223 0.06 5.48 15.87
C ILE A 223 0.53 6.44 16.97
N ALA A 224 1.63 6.08 17.64
CA ALA A 224 2.15 6.91 18.72
C ALA A 224 2.60 8.28 18.24
N ARG A 225 2.97 8.37 16.96
CA ARG A 225 3.39 9.64 16.36
C ARG A 225 2.22 10.46 15.82
N ILE A 226 1.31 9.82 15.09
CA ILE A 226 0.29 10.58 14.35
C ILE A 226 -1.17 10.23 14.64
N GLY A 227 -1.39 9.19 15.43
CA GLY A 227 -2.74 8.83 15.84
C GLY A 227 -3.38 7.76 14.97
N HIS A 228 -4.20 6.93 15.60
CA HIS A 228 -4.83 5.79 14.93
C HIS A 228 -5.78 6.21 13.81
N ASP A 229 -6.39 7.39 13.93
CA ASP A 229 -7.35 7.82 12.90
C ASP A 229 -6.65 8.15 11.57
N ARG A 230 -5.34 8.37 11.64
CA ARG A 230 -4.58 8.75 10.46
C ARG A 230 -3.66 7.63 10.02
N THR A 231 -3.93 6.41 10.49
CA THR A 231 -3.09 5.27 10.18
C THR A 231 -3.91 4.14 9.58
N GLY A 232 -3.56 3.78 8.35
CA GLY A 232 -4.10 2.59 7.70
C GLY A 232 -2.98 1.61 7.39
N LEU A 233 -3.37 0.40 6.98
CA LEU A 233 -2.41 -0.64 6.66
C LEU A 233 -2.87 -1.48 5.49
N ARG A 234 -1.98 -1.67 4.51
CA ARG A 234 -2.23 -2.59 3.40
C ARG A 234 -1.56 -3.92 3.70
N ILE A 235 -2.28 -5.02 3.45
CA ILE A 235 -1.74 -6.36 3.70
C ILE A 235 -2.03 -7.27 2.51
N SER A 236 -1.21 -8.31 2.39
CA SER A 236 -1.38 -9.33 1.35
C SER A 236 -1.32 -10.72 1.98
N PRO A 237 -2.46 -11.19 2.50
CA PRO A 237 -2.46 -12.52 3.13
C PRO A 237 -2.14 -13.61 2.11
N GLY A 238 -2.46 -13.35 0.85
CA GLY A 238 -2.14 -14.29 -0.22
C GLY A 238 -0.84 -13.88 -0.91
N ALA A 239 0.08 -14.83 -1.00
CA ALA A 239 1.35 -14.60 -1.67
C ALA A 239 1.14 -14.59 -3.18
N TYR A 240 1.70 -13.58 -3.85
CA TYR A 240 1.59 -13.52 -5.30
C TYR A 240 2.68 -12.69 -6.01
N PHE A 241 3.24 -11.71 -5.31
CA PHE A 241 4.28 -10.85 -5.90
C PHE A 241 5.56 -10.94 -5.07
N ASN A 242 6.64 -11.37 -5.74
CA ASN A 242 7.94 -11.67 -5.12
C ASN A 242 7.82 -12.44 -3.82
N MET A 243 6.93 -13.43 -3.81
CA MET A 243 6.70 -14.20 -2.60
C MET A 243 6.16 -15.58 -2.96
N ALA A 244 6.87 -16.62 -2.53
CA ALA A 244 6.38 -17.97 -2.71
C ALA A 244 5.34 -18.27 -1.64
N SER A 245 4.39 -19.12 -1.98
CA SER A 245 3.31 -19.43 -1.05
C SER A 245 3.77 -20.43 0.00
N ASP A 246 3.06 -20.45 1.12
CA ASP A 246 3.31 -21.40 2.18
C ASP A 246 1.99 -21.60 2.91
N SER A 247 1.59 -22.86 3.06
CA SER A 247 0.29 -23.19 3.67
C SER A 247 0.20 -22.73 5.13
N ARG A 248 1.34 -22.44 5.74
CA ARG A 248 1.37 -22.00 7.14
C ARG A 248 1.13 -20.50 7.34
N ASP A 249 1.09 -19.73 6.26
CA ASP A 249 0.98 -18.28 6.38
C ASP A 249 -0.38 -17.84 6.90
N ARG A 250 -1.42 -18.61 6.61
CA ARG A 250 -2.78 -18.24 7.00
CA ARG A 250 -2.78 -18.24 7.00
C ARG A 250 -2.90 -18.05 8.51
N VAL A 251 -2.28 -18.91 9.30
CA VAL A 251 -2.41 -18.77 10.75
CA VAL A 251 -2.37 -18.80 10.76
C VAL A 251 -1.67 -17.55 11.28
N VAL A 252 -0.71 -17.03 10.52
CA VAL A 252 -0.08 -15.77 10.89
C VAL A 252 -1.13 -14.65 10.80
N PHE A 253 -1.85 -14.62 9.69
CA PHE A 253 -2.88 -13.61 9.51
C PHE A 253 -4.09 -13.84 10.40
N ASP A 254 -4.34 -15.09 10.78
CA ASP A 254 -5.41 -15.38 11.73
C ASP A 254 -5.12 -14.68 13.06
N TYR A 255 -3.84 -14.61 13.41
CA TYR A 255 -3.41 -13.94 14.64
C TYR A 255 -3.39 -12.42 14.44
N LEU A 256 -2.76 -11.99 13.35
CA LEU A 256 -2.54 -10.57 13.11
C LEU A 256 -3.85 -9.76 13.06
N LEU A 257 -4.86 -10.27 12.38
CA LEU A 257 -6.04 -9.45 12.10
C LEU A 257 -6.80 -9.01 13.36
N PRO A 258 -7.06 -9.95 14.30
CA PRO A 258 -7.68 -9.49 15.55
C PRO A 258 -6.76 -8.53 16.35
N GLU A 259 -5.45 -8.73 16.27
CA GLU A 259 -4.54 -7.79 16.92
C GLU A 259 -4.68 -6.41 16.30
N LEU A 260 -4.79 -6.35 14.98
CA LEU A 260 -4.96 -5.07 14.29
C LEU A 260 -6.26 -4.38 14.68
N GLU A 261 -7.30 -5.16 14.87
CA GLU A 261 -8.60 -4.64 15.26
C GLU A 261 -8.47 -3.80 16.55
N LYS A 262 -7.61 -4.26 17.47
CA LYS A 262 -7.42 -3.57 18.75
C LYS A 262 -6.88 -2.14 18.56
N ARG A 263 -6.18 -1.89 17.46
CA ARG A 263 -5.61 -0.58 17.21
C ARG A 263 -6.60 0.40 16.56
N ASP A 264 -7.78 -0.07 16.18
CA ASP A 264 -8.82 0.79 15.63
C ASP A 264 -8.27 1.71 14.53
N LEU A 265 -7.68 1.08 13.53
CA LEU A 265 -7.08 1.78 12.40
C LEU A 265 -8.12 2.49 11.55
N ALA A 266 -7.64 3.44 10.75
CA ALA A 266 -8.51 4.11 9.80
C ALA A 266 -9.08 3.11 8.80
N PHE A 267 -8.23 2.20 8.34
CA PHE A 267 -8.67 1.10 7.49
C PHE A 267 -7.58 0.07 7.36
N VAL A 268 -8.00 -1.14 7.00
CA VAL A 268 -7.15 -2.16 6.42
C VAL A 268 -7.50 -2.25 4.94
N HIS A 269 -6.49 -2.45 4.11
CA HIS A 269 -6.61 -2.40 2.66
C HIS A 269 -5.94 -3.67 2.13
N ILE A 270 -6.63 -4.39 1.24
CA ILE A 270 -6.07 -5.57 0.59
C ILE A 270 -5.11 -5.16 -0.52
N GLY A 271 -3.99 -5.88 -0.63
CA GLY A 271 -3.09 -5.71 -1.75
C GLY A 271 -3.17 -6.94 -2.63
N ILE A 272 -3.77 -6.79 -3.79
CA ILE A 272 -3.96 -7.88 -4.76
C ILE A 272 -4.27 -7.21 -6.10
N PHE A 273 -4.14 -7.94 -7.22
CA PHE A 273 -4.43 -7.34 -8.53
C PHE A 273 -5.80 -7.77 -9.07
N ASP A 274 -6.21 -8.99 -8.76
CA ASP A 274 -7.53 -9.48 -9.16
C ASP A 274 -8.17 -10.22 -7.98
N ASP A 275 -9.08 -9.53 -7.29
CA ASP A 275 -9.68 -10.07 -6.09
C ASP A 275 -10.74 -11.13 -6.41
N SER A 276 -10.99 -11.38 -7.69
CA SER A 276 -11.86 -12.49 -8.08
C SER A 276 -11.14 -13.82 -7.96
N ILE A 277 -9.81 -13.79 -7.79
CA ILE A 277 -8.99 -14.99 -7.61
C ILE A 277 -9.20 -15.59 -6.23
N GLU A 278 -9.41 -16.89 -6.18
CA GLU A 278 -9.51 -17.63 -4.93
C GLU A 278 -8.16 -18.23 -4.56
N PHE A 279 -7.77 -18.07 -3.30
CA PHE A 279 -6.53 -18.64 -2.79
C PHE A 279 -6.86 -19.89 -1.99
N ASP A 280 -6.25 -21.01 -2.37
CA ASP A 280 -6.47 -22.27 -1.65
C ASP A 280 -6.22 -22.08 -0.16
N TYR A 281 -5.07 -21.51 0.17
CA TYR A 281 -4.63 -21.39 1.54
C TYR A 281 -5.50 -20.45 2.37
N LEU A 282 -6.23 -19.56 1.71
CA LEU A 282 -7.15 -18.66 2.41
C LEU A 282 -8.60 -19.14 2.35
N GLY A 283 -8.86 -20.22 1.64
CA GLY A 283 -10.20 -20.75 1.52
C GLY A 283 -11.15 -19.86 0.73
N GLY A 284 -10.61 -19.08 -0.19
CA GLY A 284 -11.42 -18.17 -0.99
C GLY A 284 -10.66 -16.92 -1.37
N THR A 285 -11.38 -15.86 -1.74
CA THR A 285 -10.74 -14.62 -2.14
C THR A 285 -10.04 -13.97 -0.96
N ALA A 286 -9.06 -13.14 -1.25
CA ALA A 286 -8.35 -12.39 -0.23
C ALA A 286 -9.30 -11.51 0.59
N SER A 287 -10.15 -10.74 -0.08
CA SER A 287 -11.03 -9.85 0.66
C SER A 287 -11.99 -10.65 1.55
N SER A 288 -12.50 -11.77 1.06
CA SER A 288 -13.45 -12.55 1.87
C SER A 288 -12.76 -13.17 3.09
N TYR A 289 -11.49 -13.56 2.94
CA TYR A 289 -10.74 -14.07 4.07
C TYR A 289 -10.61 -12.97 5.13
N VAL A 290 -10.18 -11.78 4.71
CA VAL A 290 -9.98 -10.70 5.68
C VAL A 290 -11.31 -10.31 6.31
N ARG A 291 -12.36 -10.23 5.49
CA ARG A 291 -13.68 -9.85 6.00
C ARG A 291 -14.17 -10.81 7.07
N ALA A 292 -13.75 -12.07 6.98
CA ALA A 292 -14.15 -13.10 7.94
C ALA A 292 -13.35 -13.07 9.24
N HIS A 293 -12.25 -12.32 9.25
CA HIS A 293 -11.37 -12.28 10.42
C HIS A 293 -11.14 -10.87 10.95
N TYR A 294 -11.87 -9.89 10.43
CA TYR A 294 -11.62 -8.49 10.73
C TYR A 294 -12.91 -7.71 10.55
N GLY A 295 -13.34 -6.98 11.57
CA GLY A 295 -14.67 -6.39 11.58
C GLY A 295 -14.73 -4.89 11.51
N LYS A 296 -13.65 -4.26 11.05
CA LYS A 296 -13.61 -2.81 10.87
C LYS A 296 -13.42 -2.45 9.40
N THR A 297 -13.34 -1.16 9.09
CA THR A 297 -13.33 -0.69 7.71
C THR A 297 -12.32 -1.44 6.86
N LEU A 298 -12.78 -1.92 5.71
CA LEU A 298 -11.96 -2.69 4.80
C LEU A 298 -12.02 -2.09 3.40
N VAL A 299 -10.84 -1.88 2.81
CA VAL A 299 -10.75 -1.40 1.43
C VAL A 299 -10.52 -2.59 0.52
N GLY A 300 -11.45 -2.84 -0.40
CA GLY A 300 -11.27 -3.85 -1.42
C GLY A 300 -10.57 -3.25 -2.63
N VAL A 301 -10.00 -4.12 -3.47
CA VAL A 301 -9.29 -3.69 -4.66
C VAL A 301 -9.01 -4.89 -5.56
N GLY A 302 -8.76 -4.63 -6.84
CA GLY A 302 -8.25 -5.66 -7.73
C GLY A 302 -9.23 -6.07 -8.80
N SER A 303 -9.19 -5.38 -9.92
CA SER A 303 -9.93 -5.75 -11.12
C SER A 303 -11.44 -5.54 -10.98
N TYR A 304 -11.82 -4.66 -10.07
CA TYR A 304 -13.23 -4.28 -9.91
C TYR A 304 -13.62 -3.20 -10.90
N SER A 305 -14.82 -3.33 -11.46
CA SER A 305 -15.44 -2.21 -12.16
C SER A 305 -16.26 -1.43 -11.13
N ALA A 306 -16.71 -0.23 -11.50
CA ALA A 306 -17.58 0.52 -10.61
C ALA A 306 -18.77 -0.36 -10.24
N GLU A 307 -19.28 -1.10 -11.22
CA GLU A 307 -20.45 -1.94 -11.03
C GLU A 307 -20.20 -3.12 -10.06
N THR A 308 -19.10 -3.83 -10.24
CA THR A 308 -18.85 -4.98 -9.36
C THR A 308 -18.42 -4.51 -7.96
N ALA A 309 -17.73 -3.38 -7.87
CA ALA A 309 -17.39 -2.82 -6.57
C ALA A 309 -18.63 -2.40 -5.80
N SER A 310 -19.55 -1.75 -6.49
CA SER A 310 -20.80 -1.31 -5.89
C SER A 310 -21.56 -2.51 -5.34
N LYS A 311 -21.61 -3.58 -6.13
CA LYS A 311 -22.32 -4.79 -5.73
C LYS A 311 -21.66 -5.41 -4.50
N ALA A 312 -20.34 -5.48 -4.52
CA ALA A 312 -19.59 -6.06 -3.41
C ALA A 312 -19.88 -5.30 -2.11
N ILE A 313 -19.85 -3.97 -2.19
CA ILE A 313 -20.10 -3.12 -1.04
C ILE A 313 -21.55 -3.28 -0.56
N ALA A 314 -22.47 -3.34 -1.52
CA ALA A 314 -23.88 -3.60 -1.18
C ALA A 314 -24.03 -4.94 -0.45
N GLU A 315 -23.23 -5.92 -0.85
CA GLU A 315 -23.28 -7.26 -0.25
C GLU A 315 -22.37 -7.38 0.99
N ASP A 316 -21.86 -6.26 1.50
CA ASP A 316 -21.10 -6.24 2.76
C ASP A 316 -19.77 -7.00 2.69
N LYS A 317 -19.19 -7.06 1.50
CA LYS A 317 -17.91 -7.76 1.28
CA LYS A 317 -17.93 -7.78 1.34
C LYS A 317 -16.76 -6.89 1.75
N PHE A 318 -16.92 -5.59 1.59
CA PHE A 318 -15.97 -4.60 2.07
C PHE A 318 -16.65 -3.23 1.99
N ASP A 319 -15.97 -2.17 2.42
CA ASP A 319 -16.61 -0.88 2.67
C ASP A 319 -16.23 0.21 1.68
N LEU A 320 -15.00 0.16 1.20
CA LEU A 320 -14.47 1.20 0.31
C LEU A 320 -13.81 0.48 -0.85
N ILE A 321 -13.80 1.13 -2.01
CA ILE A 321 -13.16 0.52 -3.19
C ILE A 321 -11.99 1.36 -3.68
N ALA A 322 -10.83 0.73 -3.72
CA ALA A 322 -9.66 1.33 -4.34
C ALA A 322 -9.64 0.95 -5.81
N ILE A 323 -9.32 1.92 -6.65
CA ILE A 323 -9.28 1.74 -8.09
C ILE A 323 -7.90 2.15 -8.55
N GLY A 324 -7.24 1.27 -9.30
CA GLY A 324 -5.87 1.52 -9.69
C GLY A 324 -5.76 1.85 -11.16
N ARG A 325 -5.67 0.81 -11.98
CA ARG A 325 -5.38 1.00 -13.39
C ARG A 325 -6.40 1.89 -14.10
N PRO A 326 -7.69 1.77 -13.76
CA PRO A 326 -8.63 2.68 -14.43
C PRO A 326 -8.40 4.15 -14.09
N PHE A 327 -7.77 4.44 -12.96
CA PHE A 327 -7.46 5.81 -12.56
C PHE A 327 -6.24 6.33 -13.32
N ILE A 328 -5.41 5.42 -13.83
CA ILE A 328 -4.34 5.82 -14.73
C ILE A 328 -4.93 6.16 -16.11
N ALA A 329 -5.80 5.30 -16.60
CA ALA A 329 -6.41 5.45 -17.94
C ALA A 329 -7.41 6.60 -17.99
N ASN A 330 -7.98 6.93 -16.83
CA ASN A 330 -9.06 7.91 -16.73
C ASN A 330 -8.84 8.84 -15.52
N PRO A 331 -8.13 9.95 -15.72
CA PRO A 331 -7.96 10.90 -14.61
C PRO A 331 -9.31 11.34 -14.06
N ASP A 332 -10.31 11.38 -14.94
CA ASP A 332 -11.64 11.81 -14.56
C ASP A 332 -12.53 10.62 -14.24
N TYR A 333 -11.92 9.55 -13.72
CA TYR A 333 -12.67 8.34 -13.39
C TYR A 333 -13.95 8.61 -12.61
N VAL A 334 -13.85 9.41 -11.55
CA VAL A 334 -14.97 9.59 -10.64
C VAL A 334 -16.14 10.27 -11.34
N ALA A 335 -15.85 11.34 -12.08
CA ALA A 335 -16.85 12.07 -12.86
C ALA A 335 -17.49 11.18 -13.91
N LYS A 336 -16.68 10.38 -14.61
CA LYS A 336 -17.21 9.50 -15.64
C LYS A 336 -18.14 8.46 -15.05
N VAL A 337 -17.75 7.85 -13.93
CA VAL A 337 -18.60 6.88 -13.26
C VAL A 337 -19.90 7.54 -12.80
N ARG A 338 -19.78 8.74 -12.25
CA ARG A 338 -20.94 9.47 -11.75
C ARG A 338 -21.93 9.77 -12.88
N ASN A 339 -21.40 10.04 -14.07
CA ASN A 339 -22.22 10.41 -15.22
C ASN A 339 -22.42 9.28 -16.23
N SER A 340 -22.05 8.06 -15.86
CA SER A 340 -22.27 6.90 -16.72
C SER A 340 -21.64 7.09 -18.10
N GLU A 341 -20.42 7.61 -18.13
CA GLU A 341 -19.72 7.84 -19.39
C GLU A 341 -18.75 6.68 -19.63
N GLU A 342 -18.36 6.50 -20.89
CA GLU A 342 -17.46 5.41 -21.26
C GLU A 342 -16.08 5.61 -20.63
N LEU A 343 -15.53 4.54 -20.07
CA LEU A 343 -14.17 4.57 -19.54
C LEU A 343 -13.20 3.92 -20.52
N VAL A 344 -11.99 4.47 -20.58
CA VAL A 344 -10.93 3.88 -21.39
C VAL A 344 -10.27 2.73 -20.64
N ALA A 345 -10.03 1.61 -21.33
CA ALA A 345 -9.36 0.48 -20.71
C ALA A 345 -7.88 0.79 -20.54
N TYR A 346 -7.33 0.33 -19.43
CA TYR A 346 -5.91 0.53 -19.15
C TYR A 346 -5.03 -0.32 -20.03
N SER A 347 -3.90 0.28 -20.43
CA SER A 347 -2.86 -0.41 -21.15
C SER A 347 -1.53 -0.07 -20.48
N ASP A 348 -0.65 -1.06 -20.38
CA ASP A 348 0.66 -0.87 -19.76
C ASP A 348 1.45 0.26 -20.43
N GLU A 349 1.18 0.49 -21.71
CA GLU A 349 1.84 1.56 -22.44
C GLU A 349 1.55 2.92 -21.82
N MET A 350 0.46 3.02 -21.08
CA MET A 350 0.08 4.30 -20.47
C MET A 350 1.04 4.72 -19.36
N LEU A 351 1.84 3.79 -18.86
CA LEU A 351 2.77 4.10 -17.78
C LEU A 351 3.90 5.03 -18.22
N ALA A 352 4.13 5.12 -19.53
CA ALA A 352 5.16 6.03 -20.04
C ALA A 352 4.78 7.50 -19.88
N SER A 353 3.49 7.77 -19.67
CA SER A 353 3.00 9.13 -19.55
C SER A 353 2.44 9.40 -18.15
N LEU A 354 2.70 10.60 -17.63
CA LEU A 354 2.13 11.00 -16.37
C LEU A 354 1.03 12.02 -16.62
N ILE A 355 -0.19 11.53 -16.71
CA ILE A 355 -1.36 12.37 -16.94
C ILE A 355 -2.43 11.96 -15.96
#